data_7ZMU
#
_entry.id   7ZMU
#
_cell.length_a   82.278
_cell.length_b   112.007
_cell.length_c   62.680
_cell.angle_alpha   90.000
_cell.angle_beta   90.000
_cell.angle_gamma   90.000
#
_symmetry.space_group_name_H-M   'C 2 2 21'
#
loop_
_entity.id
_entity.type
_entity.pdbx_description
1 polymer '14-3-3 protein sigma'
2 polymer 'non-natural peptide 2'
3 non-polymer 'MAGNESIUM ION'
4 water water
#
loop_
_entity_poly.entity_id
_entity_poly.type
_entity_poly.pdbx_seq_one_letter_code
_entity_poly.pdbx_strand_id
1 'polypeptide(L)'
;GAMGSMERASLIQKAKLAEQAERYEDMAAFMKGAVEKGEELSCEERNLLSVAYKNVVGGQRAAWRVLSSIEQKSNEEGSE
EKGPEVREYREKVETELQGVCDTVLGLLDSHLIKEAGDAESRVFYLKMKGDYYRYLAEVATGDDKKRIIDSARSAYQEAM
DISKKEMPPTNPIRLGLALNFSVFHYEIANSPEEAISLAKTTFDEAMADLHTLSEDSYKDSTLIMQLLRDNLTLWT
;
A
2 'polypeptide(L)' (SEP)(PPN)(B3S)(BAL)(PPN)K(NH2) B
#
loop_
_chem_comp.id
_chem_comp.type
_chem_comp.name
_chem_comp.formula
BAL peptide-like BETA-ALANINE 'C3 H7 N O2'
MG non-polymer 'MAGNESIUM ION' 'Mg 2'
NH2 non-polymer 'AMINO GROUP' 'H2 N'
#
# COMPACT_ATOMS: atom_id res chain seq x y z
N GLY A 1 -9.57 5.03 -23.70
CA GLY A 1 -9.41 4.03 -22.60
C GLY A 1 -9.79 2.66 -23.11
N ALA A 2 -8.79 1.76 -23.13
CA ALA A 2 -8.82 0.52 -23.93
C ALA A 2 -9.52 -0.64 -23.24
N MET A 3 -9.89 -0.49 -21.98
CA MET A 3 -10.83 -1.39 -21.36
C MET A 3 -12.26 -0.90 -21.53
N GLY A 4 -12.46 0.23 -22.20
CA GLY A 4 -13.78 0.86 -22.26
C GLY A 4 -14.84 0.03 -22.97
N SER A 5 -14.43 -0.83 -23.87
CA SER A 5 -15.33 -1.68 -24.61
C SER A 5 -15.64 -3.00 -23.91
N MET A 6 -15.00 -3.29 -22.76
CA MET A 6 -15.26 -4.53 -22.04
C MET A 6 -16.32 -4.34 -20.96
N GLU A 7 -17.24 -5.33 -20.86
CA GLU A 7 -18.16 -5.39 -19.74
C GLU A 7 -17.45 -5.34 -18.37
N ARG A 8 -18.07 -4.58 -17.46
CA ARG A 8 -17.55 -4.52 -16.09
C ARG A 8 -17.37 -5.92 -15.52
N ALA A 9 -18.37 -6.78 -15.68
CA ALA A 9 -18.31 -8.11 -15.09
C ALA A 9 -17.22 -8.94 -15.73
N SER A 10 -16.91 -8.67 -17.00
CA SER A 10 -15.89 -9.44 -17.71
C SER A 10 -14.51 -8.99 -17.26
N LEU A 11 -14.37 -7.71 -16.97
CA LEU A 11 -13.12 -7.20 -16.42
C LEU A 11 -12.82 -7.84 -15.06
N ILE A 12 -13.83 -7.88 -14.19
CA ILE A 12 -13.67 -8.52 -12.89
C ILE A 12 -13.32 -9.99 -13.08
N GLN A 13 -14.03 -10.66 -13.99
CA GLN A 13 -13.77 -12.07 -14.28
C GLN A 13 -12.34 -12.28 -14.74
N LYS A 14 -11.87 -11.43 -15.66
CA LYS A 14 -10.51 -11.58 -16.15
C LYS A 14 -9.48 -11.17 -15.12
N ALA A 15 -9.81 -10.23 -14.23
CA ALA A 15 -8.90 -9.91 -13.13
C ALA A 15 -8.67 -11.14 -12.26
N LYS A 16 -9.72 -11.90 -12.00
CA LYS A 16 -9.56 -13.09 -11.16
C LYS A 16 -8.70 -14.11 -11.89
N LEU A 17 -8.88 -14.23 -13.20
CA LEU A 17 -8.05 -15.17 -13.98
C LEU A 17 -6.60 -14.72 -13.94
N ALA A 18 -6.38 -13.42 -14.13
CA ALA A 18 -5.03 -12.88 -14.13
C ALA A 18 -4.36 -13.14 -12.81
N GLU A 19 -5.10 -13.04 -11.69
CA GLU A 19 -4.51 -13.36 -10.40
C GLU A 19 -4.03 -14.82 -10.35
N GLN A 20 -4.88 -15.72 -10.87
CA GLN A 20 -4.53 -17.13 -10.86
C GLN A 20 -3.31 -17.41 -11.72
N ALA A 21 -3.18 -16.72 -12.85
CA ALA A 21 -2.02 -16.85 -13.72
C ALA A 21 -0.84 -16.03 -13.27
N GLU A 22 -0.94 -15.38 -12.11
CA GLU A 22 0.13 -14.50 -11.63
C GLU A 22 0.50 -13.43 -12.67
N ARG A 23 -0.52 -12.89 -13.34
CA ARG A 23 -0.34 -11.88 -14.38
C ARG A 23 -0.84 -10.59 -13.79
N TYR A 24 -0.04 -9.98 -12.92
CA TYR A 24 -0.56 -8.88 -12.10
C TYR A 24 -0.64 -7.54 -12.81
N GLU A 25 0.22 -7.28 -13.78
N GLU A 25 0.20 -7.28 -13.81
CA GLU A 25 0.03 -6.10 -14.63
CA GLU A 25 0.02 -6.08 -14.62
C GLU A 25 -1.33 -6.17 -15.30
C GLU A 25 -1.32 -6.16 -15.35
N ASP A 26 -1.64 -7.32 -15.89
CA ASP A 26 -2.94 -7.54 -16.49
C ASP A 26 -4.03 -7.33 -15.47
N MET A 27 -3.85 -7.92 -14.30
CA MET A 27 -4.87 -7.83 -13.25
C MET A 27 -5.12 -6.38 -12.91
N ALA A 28 -4.06 -5.58 -12.83
CA ALA A 28 -4.24 -4.19 -12.46
C ALA A 28 -4.95 -3.43 -13.56
N ALA A 29 -4.62 -3.72 -14.82
CA ALA A 29 -5.28 -3.02 -15.93
C ALA A 29 -6.74 -3.38 -16.03
N PHE A 30 -7.09 -4.64 -15.77
CA PHE A 30 -8.50 -5.05 -15.70
C PHE A 30 -9.20 -4.32 -14.57
N MET A 31 -8.55 -4.19 -13.43
CA MET A 31 -9.25 -3.59 -12.30
C MET A 31 -9.34 -2.07 -12.51
N LYS A 32 -8.33 -1.47 -13.13
CA LYS A 32 -8.45 -0.07 -13.48
C LYS A 32 -9.63 0.19 -14.41
N GLY A 33 -9.82 -0.65 -15.43
CA GLY A 33 -10.96 -0.51 -16.30
C GLY A 33 -12.26 -0.72 -15.56
N ALA A 34 -12.27 -1.65 -14.61
CA ALA A 34 -13.47 -1.86 -13.79
C ALA A 34 -13.79 -0.60 -12.98
N VAL A 35 -12.79 0.00 -12.35
CA VAL A 35 -13.04 1.24 -11.59
C VAL A 35 -13.58 2.33 -12.50
N GLU A 36 -13.02 2.45 -13.68
CA GLU A 36 -13.42 3.54 -14.57
C GLU A 36 -14.80 3.35 -15.14
N LYS A 37 -15.45 2.24 -14.90
CA LYS A 37 -16.85 2.12 -15.24
C LYS A 37 -17.70 3.05 -14.41
N GLY A 38 -17.18 3.53 -13.28
CA GLY A 38 -17.86 4.56 -12.50
C GLY A 38 -18.66 4.06 -11.32
N GLU A 39 -18.87 2.76 -11.21
CA GLU A 39 -19.59 2.21 -10.09
C GLU A 39 -18.71 1.97 -8.86
N GLU A 40 -19.32 2.05 -7.68
CA GLU A 40 -18.63 1.63 -6.48
C GLU A 40 -18.21 0.16 -6.62
N LEU A 41 -17.19 -0.19 -5.84
CA LEU A 41 -16.63 -1.53 -5.82
C LEU A 41 -17.13 -2.27 -4.59
N SER A 42 -17.42 -3.54 -4.77
CA SER A 42 -17.75 -4.39 -3.66
C SER A 42 -16.49 -4.71 -2.87
N CYS A 43 -16.67 -5.37 -1.73
CA CYS A 43 -15.54 -5.81 -0.92
C CYS A 43 -14.58 -6.66 -1.73
N GLU A 44 -15.09 -7.68 -2.41
CA GLU A 44 -14.23 -8.59 -3.15
C GLU A 44 -13.50 -7.81 -4.25
N GLU A 45 -14.17 -6.86 -4.88
CA GLU A 45 -13.54 -6.09 -5.95
C GLU A 45 -12.47 -5.17 -5.39
N ARG A 46 -12.71 -4.59 -4.20
CA ARG A 46 -11.70 -3.75 -3.60
C ARG A 46 -10.44 -4.56 -3.33
N ASN A 47 -10.61 -5.80 -2.86
CA ASN A 47 -9.47 -6.67 -2.64
C ASN A 47 -8.71 -6.97 -3.92
N LEU A 48 -9.42 -7.19 -5.02
CA LEU A 48 -8.73 -7.41 -6.29
C LEU A 48 -7.89 -6.22 -6.67
N LEU A 49 -8.45 -5.03 -6.50
CA LEU A 49 -7.72 -3.82 -6.86
C LEU A 49 -6.42 -3.70 -6.08
N SER A 50 -6.48 -3.95 -4.77
CA SER A 50 -5.31 -3.74 -3.94
C SER A 50 -4.29 -4.86 -4.12
N VAL A 51 -4.74 -6.10 -4.32
CA VAL A 51 -3.76 -7.17 -4.58
C VAL A 51 -3.05 -6.92 -5.88
N ALA A 52 -3.77 -6.46 -6.90
CA ALA A 52 -3.16 -6.23 -8.21
C ALA A 52 -2.06 -5.20 -8.13
N TYR A 53 -2.39 -4.00 -7.64
CA TYR A 53 -1.43 -2.90 -7.68
C TYR A 53 -0.30 -3.10 -6.65
N LYS A 54 -0.58 -3.84 -5.58
CA LYS A 54 0.48 -4.18 -4.62
C LYS A 54 1.56 -5.02 -5.27
N ASN A 55 1.14 -6.04 -6.03
CA ASN A 55 2.08 -6.88 -6.76
C ASN A 55 2.84 -6.08 -7.81
N VAL A 56 2.13 -5.22 -8.56
CA VAL A 56 2.83 -4.48 -9.59
C VAL A 56 3.86 -3.55 -8.97
N VAL A 57 3.43 -2.70 -8.04
N VAL A 57 3.43 -2.70 -8.04
CA VAL A 57 4.35 -1.76 -7.42
CA VAL A 57 4.39 -1.76 -7.46
C VAL A 57 5.40 -2.47 -6.59
C VAL A 57 5.42 -2.49 -6.62
N GLY A 58 5.10 -3.69 -6.12
CA GLY A 58 6.06 -4.42 -5.33
C GLY A 58 7.26 -4.88 -6.13
N GLY A 59 7.04 -5.33 -7.34
CA GLY A 59 8.18 -5.61 -8.19
C GLY A 59 8.99 -4.36 -8.50
N GLN A 60 8.31 -3.25 -8.80
N GLN A 60 8.30 -3.23 -8.74
CA GLN A 60 9.00 -2.00 -9.05
CA GLN A 60 9.00 -1.99 -9.07
C GLN A 60 9.85 -1.60 -7.85
C GLN A 60 9.81 -1.48 -7.87
N ARG A 61 9.28 -1.64 -6.65
CA ARG A 61 10.02 -1.22 -5.46
C ARG A 61 11.22 -2.12 -5.24
N ALA A 62 11.07 -3.43 -5.43
CA ALA A 62 12.21 -4.32 -5.26
C ALA A 62 13.32 -3.98 -6.26
N ALA A 63 12.95 -3.68 -7.50
CA ALA A 63 13.95 -3.34 -8.51
C ALA A 63 14.61 -2.01 -8.17
N TRP A 64 13.80 -1.01 -7.87
CA TRP A 64 14.36 0.26 -7.47
C TRP A 64 15.37 0.08 -6.33
N ARG A 65 15.05 -0.74 -5.34
CA ARG A 65 15.99 -0.88 -4.23
C ARG A 65 17.31 -1.51 -4.69
N VAL A 66 17.25 -2.53 -5.52
CA VAL A 66 18.47 -3.13 -6.05
C VAL A 66 19.30 -2.07 -6.76
N LEU A 67 18.66 -1.28 -7.64
CA LEU A 67 19.41 -0.32 -8.46
C LEU A 67 19.89 0.86 -7.62
N SER A 68 19.09 1.31 -6.65
N SER A 68 19.09 1.31 -6.65
CA SER A 68 19.54 2.35 -5.73
CA SER A 68 19.54 2.36 -5.75
C SER A 68 20.76 1.89 -4.95
C SER A 68 20.74 1.90 -4.92
N SER A 69 20.79 0.61 -4.58
CA SER A 69 21.91 0.09 -3.82
C SER A 69 23.17 0.07 -4.66
N ILE A 70 23.06 -0.42 -5.90
CA ILE A 70 24.17 -0.36 -6.85
C ILE A 70 24.63 1.07 -7.04
N GLU A 71 23.68 1.99 -7.20
CA GLU A 71 24.08 3.37 -7.45
C GLU A 71 24.81 3.95 -6.23
N GLN A 72 24.40 3.58 -5.03
CA GLN A 72 25.10 4.13 -3.87
C GLN A 72 26.52 3.57 -3.77
N LYS A 73 26.73 2.33 -4.18
N LYS A 73 26.72 2.33 -4.18
CA LYS A 73 28.06 1.73 -4.21
CA LYS A 73 28.04 1.72 -4.21
C LYS A 73 28.91 2.21 -5.37
C LYS A 73 28.92 2.35 -5.28
N SER A 74 28.34 2.94 -6.31
CA SER A 74 29.10 3.62 -7.35
C SER A 74 29.58 4.98 -6.87
N ASN A 75 29.03 5.47 -5.77
CA ASN A 75 29.40 6.75 -5.18
C ASN A 75 30.48 6.60 -4.11
N GLU A 76 30.90 5.36 -3.80
CA GLU A 76 31.69 5.07 -2.62
C GLU A 76 33.20 5.18 -2.89
N GLU A 77 33.98 4.84 -1.85
CA GLU A 77 35.42 4.99 -1.87
C GLU A 77 36.07 3.91 -2.73
N GLY A 78 36.98 4.33 -3.60
CA GLY A 78 37.69 3.40 -4.48
C GLY A 78 36.80 2.79 -5.54
N SER A 79 35.76 3.50 -5.96
CA SER A 79 34.77 2.99 -6.89
C SER A 79 34.98 3.61 -8.27
N GLU A 80 35.16 2.76 -9.28
CA GLU A 80 35.52 3.22 -10.61
C GLU A 80 34.32 3.80 -11.36
N GLU A 81 34.56 4.93 -12.03
CA GLU A 81 33.53 5.58 -12.82
C GLU A 81 32.96 4.65 -13.87
N LYS A 82 31.63 4.50 -13.86
CA LYS A 82 30.95 3.53 -14.71
C LYS A 82 30.00 4.16 -15.70
N GLY A 83 29.91 5.50 -15.71
CA GLY A 83 29.04 6.22 -16.60
C GLY A 83 27.69 6.52 -16.01
N PRO A 84 26.81 7.08 -16.83
CA PRO A 84 25.49 7.51 -16.39
C PRO A 84 24.43 6.41 -16.40
N GLU A 85 24.79 5.17 -16.70
CA GLU A 85 23.81 4.13 -16.99
C GLU A 85 23.09 3.63 -15.73
N VAL A 86 23.77 3.53 -14.58
CA VAL A 86 23.10 3.05 -13.37
C VAL A 86 22.06 4.06 -12.94
N ARG A 87 22.44 5.34 -12.97
CA ARG A 87 21.50 6.39 -12.60
C ARG A 87 20.34 6.38 -13.57
N GLU A 88 20.67 6.31 -14.86
CA GLU A 88 19.65 6.37 -15.92
C GLU A 88 18.59 5.29 -15.73
N TYR A 89 19.03 4.06 -15.50
CA TYR A 89 18.10 2.94 -15.39
C TYR A 89 17.34 2.99 -14.07
N ARG A 90 18.00 3.45 -12.99
CA ARG A 90 17.26 3.60 -11.73
C ARG A 90 16.20 4.64 -11.91
N GLU A 91 16.49 5.70 -12.68
N GLU A 91 16.51 5.72 -12.65
CA GLU A 91 15.51 6.73 -12.94
CA GLU A 91 15.53 6.74 -12.96
C GLU A 91 14.36 6.19 -13.77
C GLU A 91 14.36 6.17 -13.75
N LYS A 92 14.65 5.31 -14.74
CA LYS A 92 13.59 4.77 -15.59
C LYS A 92 12.62 3.94 -14.76
N VAL A 93 13.16 3.10 -13.88
CA VAL A 93 12.31 2.30 -12.99
C VAL A 93 11.56 3.22 -12.03
N GLU A 94 12.24 4.23 -11.48
CA GLU A 94 11.60 5.21 -10.59
C GLU A 94 10.40 5.88 -11.26
N THR A 95 10.58 6.36 -12.49
CA THR A 95 9.51 7.06 -13.18
C THR A 95 8.33 6.11 -13.44
N GLU A 96 8.63 4.85 -13.77
CA GLU A 96 7.61 3.84 -13.97
C GLU A 96 6.84 3.60 -12.68
N LEU A 97 7.58 3.43 -11.59
CA LEU A 97 6.99 3.28 -10.26
C LEU A 97 6.09 4.47 -9.96
N GLN A 98 6.59 5.67 -10.25
CA GLN A 98 5.87 6.88 -9.89
C GLN A 98 4.58 6.95 -10.69
N GLY A 99 4.60 6.40 -11.90
CA GLY A 99 3.40 6.44 -12.69
C GLY A 99 2.35 5.48 -12.22
N VAL A 100 2.76 4.33 -11.68
CA VAL A 100 1.80 3.40 -11.13
C VAL A 100 1.16 4.02 -9.90
N CYS A 101 1.98 4.58 -9.02
CA CYS A 101 1.40 5.22 -7.85
C CYS A 101 0.44 6.33 -8.25
N ASP A 102 0.86 7.18 -9.19
CA ASP A 102 -0.03 8.25 -9.64
C ASP A 102 -1.32 7.67 -10.22
N THR A 103 -1.24 6.54 -10.92
CA THR A 103 -2.45 5.92 -11.46
C THR A 103 -3.37 5.44 -10.35
N VAL A 104 -2.81 4.77 -9.34
CA VAL A 104 -3.63 4.34 -8.19
C VAL A 104 -4.20 5.56 -7.48
N LEU A 105 -3.37 6.57 -7.21
CA LEU A 105 -3.86 7.76 -6.53
C LEU A 105 -4.96 8.40 -7.36
N GLY A 106 -4.84 8.34 -8.69
CA GLY A 106 -5.84 8.95 -9.55
C GLY A 106 -7.17 8.25 -9.48
N LEU A 107 -7.15 6.92 -9.41
CA LEU A 107 -8.39 6.18 -9.27
C LEU A 107 -9.08 6.52 -7.96
N LEU A 108 -8.30 6.65 -6.89
CA LEU A 108 -8.87 6.96 -5.57
C LEU A 108 -9.47 8.37 -5.55
N ASP A 109 -8.80 9.34 -6.18
CA ASP A 109 -9.35 10.68 -6.21
C ASP A 109 -10.54 10.80 -7.18
N SER A 110 -10.54 10.00 -8.27
CA SER A 110 -11.53 10.11 -9.34
C SER A 110 -12.15 8.74 -9.62
N HIS A 111 -13.08 8.27 -8.77
CA HIS A 111 -13.74 9.01 -7.73
C HIS A 111 -14.09 8.07 -6.59
N LEU A 112 -13.20 7.12 -6.30
CA LEU A 112 -13.52 6.07 -5.33
C LEU A 112 -13.73 6.62 -3.92
N ILE A 113 -12.83 7.47 -3.45
CA ILE A 113 -12.91 7.96 -2.07
C ILE A 113 -14.20 8.75 -1.87
N LYS A 114 -14.49 9.70 -2.76
CA LYS A 114 -15.62 10.58 -2.48
C LYS A 114 -16.95 9.86 -2.51
N GLU A 115 -17.07 8.72 -3.20
CA GLU A 115 -18.34 7.98 -3.22
C GLU A 115 -18.39 6.89 -2.18
N ALA A 116 -17.31 6.71 -1.41
CA ALA A 116 -17.24 5.70 -0.37
C ALA A 116 -17.79 6.28 0.92
N GLY A 117 -18.98 5.83 1.29
CA GLY A 117 -19.64 6.35 2.47
C GLY A 117 -19.53 5.41 3.66
N ASP A 118 -19.50 4.11 3.40
CA ASP A 118 -19.40 3.16 4.48
C ASP A 118 -17.97 3.12 5.00
N ALA A 119 -17.83 2.79 6.30
CA ALA A 119 -16.54 2.89 6.96
C ALA A 119 -15.53 1.91 6.37
N GLU A 120 -15.98 0.67 6.07
CA GLU A 120 -15.08 -0.35 5.56
C GLU A 120 -14.49 0.06 4.21
N SER A 121 -15.29 0.72 3.36
CA SER A 121 -14.79 1.13 2.07
C SER A 121 -13.95 2.41 2.19
N ARG A 122 -14.42 3.39 2.96
CA ARG A 122 -13.69 4.64 3.05
C ARG A 122 -12.33 4.41 3.69
N VAL A 123 -12.27 3.62 4.77
CA VAL A 123 -10.98 3.36 5.42
C VAL A 123 -10.06 2.60 4.47
N PHE A 124 -10.61 1.62 3.75
CA PHE A 124 -9.81 0.84 2.81
C PHE A 124 -9.16 1.76 1.80
N TYR A 125 -9.93 2.71 1.26
CA TYR A 125 -9.36 3.51 0.18
C TYR A 125 -8.41 4.58 0.72
N LEU A 126 -8.69 5.14 1.90
CA LEU A 126 -7.76 6.10 2.47
C LEU A 126 -6.45 5.43 2.90
N LYS A 127 -6.50 4.17 3.36
CA LYS A 127 -5.27 3.41 3.62
C LYS A 127 -4.49 3.21 2.34
N MET A 128 -5.18 2.92 1.25
CA MET A 128 -4.50 2.81 -0.05
C MET A 128 -3.84 4.12 -0.40
N LYS A 129 -4.54 5.23 -0.16
CA LYS A 129 -3.97 6.53 -0.49
C LYS A 129 -2.69 6.77 0.30
N GLY A 130 -2.73 6.47 1.61
CA GLY A 130 -1.54 6.54 2.43
C GLY A 130 -0.43 5.64 1.93
N ASP A 131 -0.77 4.39 1.60
CA ASP A 131 0.24 3.44 1.13
C ASP A 131 0.93 3.94 -0.13
N TYR A 132 0.16 4.43 -1.13
CA TYR A 132 0.75 4.81 -2.43
C TYR A 132 1.47 6.17 -2.35
N TYR A 133 1.09 7.04 -1.42
CA TYR A 133 1.95 8.19 -1.14
C TYR A 133 3.21 7.74 -0.42
N ARG A 134 3.13 6.72 0.43
CA ARG A 134 4.32 6.24 1.11
C ARG A 134 5.31 5.66 0.10
N TYR A 135 4.83 4.98 -0.94
CA TYR A 135 5.75 4.48 -1.96
C TYR A 135 6.39 5.62 -2.74
N LEU A 136 5.64 6.69 -2.98
CA LEU A 136 6.24 7.86 -3.60
C LEU A 136 7.28 8.45 -2.67
N ALA A 137 7.00 8.43 -1.37
CA ALA A 137 7.94 8.98 -0.40
C ALA A 137 9.27 8.23 -0.45
N GLU A 138 9.20 6.90 -0.63
CA GLU A 138 10.42 6.07 -0.54
C GLU A 138 11.44 6.49 -1.58
N VAL A 139 10.99 7.07 -2.69
CA VAL A 139 11.89 7.43 -3.78
C VAL A 139 12.02 8.95 -3.96
N ALA A 140 11.28 9.73 -3.20
CA ALA A 140 11.29 11.18 -3.37
C ALA A 140 12.55 11.80 -2.76
N THR A 141 13.09 12.82 -3.39
CA THR A 141 14.28 13.49 -2.86
C THR A 141 14.19 15.00 -2.91
N GLY A 142 13.42 15.59 -3.82
CA GLY A 142 13.36 17.01 -3.99
C GLY A 142 12.73 17.70 -2.80
N ASP A 143 12.39 18.97 -3.01
CA ASP A 143 11.66 19.70 -1.98
C ASP A 143 10.33 19.02 -1.67
N ASP A 144 9.64 18.58 -2.73
CA ASP A 144 8.32 17.97 -2.66
C ASP A 144 8.25 16.80 -1.71
N LYS A 145 9.40 16.23 -1.33
CA LYS A 145 9.43 15.10 -0.41
C LYS A 145 8.58 15.37 0.84
N LYS A 146 8.73 16.55 1.45
CA LYS A 146 7.95 16.83 2.65
C LYS A 146 6.46 16.80 2.36
N ARG A 147 6.07 17.27 1.18
CA ARG A 147 4.66 17.38 0.88
C ARG A 147 4.08 16.01 0.57
N ILE A 148 4.86 15.14 -0.07
CA ILE A 148 4.43 13.77 -0.29
C ILE A 148 4.22 13.08 1.05
N ILE A 149 5.21 13.20 1.94
CA ILE A 149 5.14 12.64 3.29
C ILE A 149 3.91 13.17 4.02
N ASP A 150 3.67 14.47 3.97
CA ASP A 150 2.49 14.95 4.67
C ASP A 150 1.23 14.32 4.09
N SER A 151 1.15 14.25 2.76
CA SER A 151 -0.01 13.64 2.10
C SER A 151 -0.22 12.21 2.53
N ALA A 152 0.88 11.44 2.67
CA ALA A 152 0.72 10.08 3.19
C ALA A 152 0.17 10.13 4.60
N ARG A 153 0.82 10.91 5.45
N ARG A 153 0.82 10.91 5.45
CA ARG A 153 0.37 11.04 6.84
CA ARG A 153 0.39 11.06 6.84
C ARG A 153 -1.10 11.37 6.92
C ARG A 153 -1.09 11.38 6.93
N SER A 154 -1.54 12.34 6.11
CA SER A 154 -2.90 12.85 6.21
C SER A 154 -3.93 11.80 5.83
N ALA A 155 -3.64 10.99 4.81
CA ALA A 155 -4.58 9.93 4.46
C ALA A 155 -4.65 8.88 5.56
N TYR A 156 -3.49 8.43 6.03
CA TYR A 156 -3.45 7.47 7.10
C TYR A 156 -4.20 7.97 8.32
N GLN A 157 -4.05 9.25 8.66
CA GLN A 157 -4.68 9.78 9.86
C GLN A 157 -6.20 9.80 9.71
N GLU A 158 -6.70 10.30 8.58
CA GLU A 158 -8.14 10.29 8.37
C GLU A 158 -8.69 8.86 8.45
N ALA A 159 -7.94 7.92 7.90
CA ALA A 159 -8.37 6.52 7.94
C ALA A 159 -8.34 6.00 9.37
N MET A 160 -7.34 6.42 10.13
CA MET A 160 -7.22 5.99 11.53
C MET A 160 -8.38 6.53 12.32
N ASP A 161 -8.71 7.82 12.08
CA ASP A 161 -9.80 8.47 12.78
C ASP A 161 -11.11 7.75 12.54
N ILE A 162 -11.40 7.42 11.27
CA ILE A 162 -12.65 6.71 10.99
C ILE A 162 -12.64 5.33 11.60
N SER A 163 -11.52 4.61 11.47
CA SER A 163 -11.50 3.22 11.92
C SER A 163 -11.68 3.12 13.42
N LYS A 164 -11.10 4.07 14.17
CA LYS A 164 -11.28 4.03 15.61
C LYS A 164 -12.73 4.26 15.98
N LYS A 165 -13.40 5.15 15.25
CA LYS A 165 -14.79 5.47 15.58
C LYS A 165 -15.76 4.38 15.16
N GLU A 166 -15.45 3.63 14.09
CA GLU A 166 -16.47 2.90 13.39
C GLU A 166 -16.21 1.41 13.31
N MET A 167 -15.02 0.93 13.69
CA MET A 167 -14.66 -0.47 13.52
C MET A 167 -14.16 -1.08 14.82
N PRO A 168 -14.37 -2.38 15.03
CA PRO A 168 -13.79 -2.99 16.22
C PRO A 168 -12.27 -3.03 16.09
N PRO A 169 -11.56 -3.12 17.20
CA PRO A 169 -10.09 -3.10 17.14
C PRO A 169 -9.48 -4.37 16.57
N THR A 170 -10.27 -5.42 16.35
CA THR A 170 -9.83 -6.63 15.68
C THR A 170 -10.07 -6.58 14.19
N ASN A 171 -10.71 -5.55 13.70
CA ASN A 171 -11.07 -5.53 12.30
C ASN A 171 -9.82 -5.62 11.43
N PRO A 172 -9.74 -6.58 10.50
CA PRO A 172 -8.49 -6.71 9.73
C PRO A 172 -8.10 -5.46 8.93
N ILE A 173 -9.03 -4.68 8.39
CA ILE A 173 -8.63 -3.44 7.71
C ILE A 173 -8.04 -2.46 8.72
N ARG A 174 -8.66 -2.36 9.91
CA ARG A 174 -8.14 -1.46 10.94
C ARG A 174 -6.75 -1.89 11.35
N LEU A 175 -6.57 -3.19 11.51
CA LEU A 175 -5.28 -3.75 11.91
C LEU A 175 -4.21 -3.50 10.85
N GLY A 176 -4.56 -3.71 9.59
CA GLY A 176 -3.59 -3.51 8.53
C GLY A 176 -3.26 -2.06 8.33
N LEU A 177 -4.26 -1.21 8.46
CA LEU A 177 -3.99 0.22 8.45
C LEU A 177 -2.99 0.60 9.53
N ALA A 178 -3.23 0.16 10.77
CA ALA A 178 -2.32 0.53 11.85
C ALA A 178 -0.92 0.02 11.57
N LEU A 179 -0.81 -1.24 11.14
CA LEU A 179 0.47 -1.79 10.77
C LEU A 179 1.20 -0.88 9.78
N ASN A 180 0.52 -0.49 8.71
CA ASN A 180 1.20 0.27 7.67
C ASN A 180 1.52 1.67 8.11
N PHE A 181 0.63 2.30 8.90
CA PHE A 181 0.93 3.65 9.41
C PHE A 181 2.12 3.61 10.36
N SER A 182 2.23 2.54 11.13
N SER A 182 2.23 2.55 11.14
CA SER A 182 3.41 2.33 11.97
CA SER A 182 3.43 2.35 11.97
C SER A 182 4.67 2.17 11.11
C SER A 182 4.68 2.16 11.11
N VAL A 183 4.58 1.44 10.00
CA VAL A 183 5.72 1.33 9.08
C VAL A 183 6.04 2.70 8.54
N PHE A 184 5.02 3.47 8.18
CA PHE A 184 5.23 4.85 7.76
C PHE A 184 6.04 5.62 8.80
N HIS A 185 5.66 5.50 10.07
CA HIS A 185 6.36 6.24 11.12
C HIS A 185 7.81 5.81 11.19
N TYR A 186 8.06 4.50 11.08
CA TYR A 186 9.41 3.96 11.28
C TYR A 186 10.30 4.26 10.08
N GLU A 187 9.77 4.11 8.88
CA GLU A 187 10.59 4.06 7.67
C GLU A 187 10.59 5.37 6.93
N ILE A 188 9.56 6.18 7.07
CA ILE A 188 9.41 7.41 6.29
C ILE A 188 9.59 8.63 7.17
N ALA A 189 8.92 8.65 8.32
CA ALA A 189 8.77 9.84 9.16
C ALA A 189 9.88 9.97 10.21
N ASN A 190 10.80 9.01 10.28
CA ASN A 190 11.87 9.07 11.28
C ASN A 190 11.26 9.21 12.66
N SER A 191 10.20 8.45 12.91
CA SER A 191 9.48 8.48 14.19
C SER A 191 9.33 7.08 14.73
N PRO A 192 10.44 6.41 15.07
CA PRO A 192 10.35 5.01 15.50
C PRO A 192 9.59 4.84 16.78
N GLU A 193 9.62 5.82 17.66
CA GLU A 193 8.90 5.66 18.91
C GLU A 193 7.39 5.66 18.69
N GLU A 194 6.93 6.53 17.80
CA GLU A 194 5.53 6.51 17.40
C GLU A 194 5.17 5.19 16.75
N ALA A 195 6.05 4.73 15.85
CA ALA A 195 5.80 3.45 15.20
C ALA A 195 5.60 2.34 16.22
N ILE A 196 6.47 2.29 17.24
CA ILE A 196 6.39 1.26 18.27
C ILE A 196 5.15 1.44 19.15
N SER A 197 4.88 2.68 19.57
CA SER A 197 3.67 2.96 20.36
C SER A 197 2.42 2.52 19.64
N LEU A 198 2.34 2.82 18.34
CA LEU A 198 1.15 2.48 17.58
C LEU A 198 1.01 0.98 17.43
N ALA A 199 2.10 0.31 17.09
CA ALA A 199 2.02 -1.14 16.93
C ALA A 199 1.59 -1.82 18.22
N LYS A 200 2.14 -1.39 19.36
CA LYS A 200 1.84 -2.01 20.66
C LYS A 200 0.40 -1.72 21.09
N THR A 201 -0.02 -0.47 21.02
CA THR A 201 -1.40 -0.12 21.36
C THR A 201 -2.37 -0.87 20.47
N THR A 202 -2.10 -0.93 19.16
CA THR A 202 -3.00 -1.64 18.26
C THR A 202 -3.07 -3.11 18.63
N PHE A 203 -1.91 -3.73 18.85
CA PHE A 203 -1.88 -5.14 19.20
C PHE A 203 -2.66 -5.41 20.48
N ASP A 204 -2.47 -4.58 21.50
CA ASP A 204 -3.04 -4.86 22.80
C ASP A 204 -4.55 -4.68 22.79
N GLU A 205 -5.05 -3.69 22.06
CA GLU A 205 -6.49 -3.47 21.96
C GLU A 205 -7.15 -4.59 21.16
N ALA A 206 -6.46 -5.12 20.15
CA ALA A 206 -7.04 -6.26 19.42
C ALA A 206 -7.10 -7.49 20.32
N MET A 207 -6.01 -7.80 21.03
N MET A 207 -6.00 -7.79 21.03
CA MET A 207 -5.97 -8.96 21.91
CA MET A 207 -5.95 -8.93 21.94
C MET A 207 -7.17 -8.99 22.85
C MET A 207 -7.17 -8.98 22.85
N ALA A 208 -7.52 -7.84 23.44
CA ALA A 208 -8.63 -7.76 24.38
C ALA A 208 -9.99 -7.92 23.74
N ASP A 209 -10.07 -7.88 22.41
CA ASP A 209 -11.34 -8.02 21.69
C ASP A 209 -11.50 -9.36 20.98
N LEU A 210 -10.44 -10.17 20.94
CA LEU A 210 -10.48 -11.45 20.26
C LEU A 210 -11.56 -12.35 20.80
N HIS A 211 -11.91 -12.24 22.09
CA HIS A 211 -12.92 -13.14 22.63
C HIS A 211 -14.29 -12.96 21.96
N THR A 212 -14.50 -11.84 21.29
CA THR A 212 -15.79 -11.59 20.66
C THR A 212 -15.94 -12.31 19.35
N LEU A 213 -14.90 -13.01 18.89
CA LEU A 213 -14.77 -13.43 17.50
C LEU A 213 -15.06 -14.91 17.28
N SER A 214 -15.68 -15.22 16.13
CA SER A 214 -15.79 -16.58 15.64
C SER A 214 -14.40 -17.11 15.30
N GLU A 215 -14.32 -18.43 15.05
CA GLU A 215 -13.04 -19.07 14.81
C GLU A 215 -12.39 -18.56 13.52
N ASP A 216 -13.19 -18.26 12.50
CA ASP A 216 -12.60 -17.78 11.26
C ASP A 216 -12.10 -16.35 11.41
N SER A 217 -12.91 -15.47 12.00
CA SER A 217 -12.48 -14.09 12.23
C SER A 217 -11.24 -14.01 13.15
N TYR A 218 -11.23 -14.78 14.25
CA TYR A 218 -10.03 -14.92 15.08
C TYR A 218 -8.78 -15.19 14.22
N LYS A 219 -8.92 -16.10 13.24
CA LYS A 219 -7.79 -16.41 12.36
C LYS A 219 -7.36 -15.20 11.53
N ASP A 220 -8.34 -14.49 10.95
CA ASP A 220 -8.04 -13.31 10.13
C ASP A 220 -7.31 -12.25 10.94
N SER A 221 -7.80 -11.95 12.13
CA SER A 221 -7.23 -10.87 12.94
C SER A 221 -5.88 -11.25 13.51
N THR A 222 -5.72 -12.49 13.99
CA THR A 222 -4.46 -12.81 14.64
C THR A 222 -3.31 -12.89 13.66
N LEU A 223 -3.61 -13.16 12.39
CA LEU A 223 -2.58 -13.12 11.35
C LEU A 223 -1.92 -11.76 11.29
N ILE A 224 -2.74 -10.70 11.23
CA ILE A 224 -2.20 -9.36 11.15
C ILE A 224 -1.63 -8.95 12.50
N MET A 225 -2.24 -9.38 13.60
CA MET A 225 -1.60 -9.06 14.87
C MET A 225 -0.19 -9.64 14.95
N GLN A 226 0.02 -10.83 14.37
CA GLN A 226 1.37 -11.42 14.33
C GLN A 226 2.34 -10.51 13.57
N LEU A 227 1.85 -9.85 12.52
CA LEU A 227 2.70 -8.96 11.77
C LEU A 227 3.10 -7.76 12.60
N LEU A 228 2.16 -7.22 13.40
CA LEU A 228 2.52 -6.21 14.39
C LEU A 228 3.59 -6.74 15.34
N ARG A 229 3.38 -7.97 15.83
CA ARG A 229 4.36 -8.59 16.72
C ARG A 229 5.73 -8.65 16.05
N ASP A 230 5.76 -9.09 14.80
CA ASP A 230 7.02 -9.21 14.09
C ASP A 230 7.74 -7.87 14.02
N ASN A 231 7.02 -6.78 13.72
CA ASN A 231 7.68 -5.49 13.64
C ASN A 231 8.21 -5.07 15.00
N LEU A 232 7.41 -5.28 16.05
CA LEU A 232 7.86 -4.90 17.39
C LEU A 232 9.11 -5.68 17.78
N THR A 233 9.17 -6.97 17.42
CA THR A 233 10.39 -7.74 17.68
C THR A 233 11.55 -7.23 16.85
N LEU A 234 11.27 -6.76 15.63
CA LEU A 234 12.31 -6.15 14.81
C LEU A 234 12.76 -4.82 15.39
N TRP A 235 11.81 -4.03 15.93
CA TRP A 235 12.07 -2.66 16.30
C TRP A 235 12.55 -2.47 17.73
N THR A 236 12.45 -3.51 18.56
CA THR A 236 12.80 -3.43 19.97
C THR A 236 13.75 -4.56 20.31
N SEP B 1 4.69 -4.72 5.71
CA SEP B 1 3.45 -3.99 5.66
CB SEP B 1 3.53 -2.88 4.66
OG SEP B 1 4.07 -3.47 3.52
C SEP B 1 2.40 -5.00 5.21
O SEP B 1 2.72 -6.11 4.91
P SEP B 1 4.42 -2.50 2.25
O1P SEP B 1 5.59 -1.62 2.69
O2P SEP B 1 3.18 -1.71 1.86
O3P SEP B 1 4.81 -3.45 1.12
H2 SEP B 1 5.33 -4.31 5.06
H SEP B 1 4.53 -5.69 5.49
HA SEP B 1 3.21 -3.56 6.63
HB2 SEP B 1 4.18 -2.09 5.02
HB3 SEP B 1 2.55 -2.48 4.46
N PPN B 2 1.03 -4.57 5.14
CA PPN B 2 0.03 -5.51 4.76
C PPN B 2 -1.08 -4.82 4.06
O PPN B 2 -1.61 -3.80 4.39
CB PPN B 2 -0.50 -6.16 6.04
CG PPN B 2 -1.53 -7.29 5.77
CD1 PPN B 2 -1.16 -8.63 5.65
CD2 PPN B 2 -2.86 -6.91 5.68
CE1 PPN B 2 -2.14 -9.59 5.44
CE2 PPN B 2 -3.84 -7.87 5.46
CZ PPN B 2 -3.46 -9.19 5.34
N1 PPN B 2 -4.52 -10.16 5.11
O1 PPN B 2 -4.19 -11.50 5.10
O2 PPN B 2 -5.65 -9.79 4.97
H PPN B 2 0.77 -3.62 5.37
HA PPN B 2 0.44 -6.26 4.09
HB2 PPN B 2 0.35 -6.59 6.59
HB3 PPN B 2 -0.96 -5.40 6.65
HD1 PPN B 2 -0.12 -8.92 5.72
HD2 PPN B 2 -3.13 -5.87 5.78
HE1 PPN B 2 -1.88 -10.64 5.35
HE2 PPN B 2 -4.88 -7.58 5.37
N B3S B 3 -1.47 -5.54 2.87
OD B3S B 3 -1.25 -3.45 0.89
CG B3S B 3 -1.93 -4.69 0.69
CA B3S B 3 -2.53 -5.05 2.02
CB B3S B 3 -3.36 -6.30 1.88
C B3S B 3 -4.67 -6.14 1.14
O B3S B 3 -5.12 -5.07 0.87
H B3S B 3 -1.00 -6.39 2.64
HD B3S B 3 -0.53 -3.61 1.49
HG3 B3S B 3 -1.23 -5.46 0.37
HG2 B3S B 3 -2.72 -4.57 -0.06
HA B3S B 3 -3.06 -4.19 2.38
HB1 B3S B 3 -2.77 -7.04 1.38
HB2 B3S B 3 -3.58 -6.67 2.88
N BAL B 4 -5.31 -7.39 0.81
CB BAL B 4 -6.59 -7.39 0.09
CA BAL B 4 -6.96 -8.88 0.04
C BAL B 4 -7.29 -9.55 1.42
O BAL B 4 -6.66 -10.48 1.88
H BAL B 4 -4.89 -8.26 1.09
HB3 BAL B 4 -7.33 -6.83 0.63
HB2 BAL B 4 -6.49 -6.99 -0.89
HA1 BAL B 4 -7.81 -8.99 -0.60
HA2 BAL B 4 -6.13 -9.41 -0.39
N PPN B 5 -8.46 -8.99 2.10
CA PPN B 5 -8.93 -9.54 3.34
C PPN B 5 -9.91 -10.64 2.99
O PPN B 5 -10.94 -10.33 2.52
CB PPN B 5 -9.63 -8.42 4.09
CG PPN B 5 -8.63 -7.25 4.28
CD1 PPN B 5 -7.81 -7.22 5.38
CD2 PPN B 5 -8.53 -6.27 3.34
CE1 PPN B 5 -6.89 -6.17 5.57
CE2 PPN B 5 -7.66 -5.22 3.49
CZ PPN B 5 -6.85 -5.19 4.58
N1 PPN B 5 -5.90 -4.07 4.76
O1 PPN B 5 -5.65 -3.21 3.69
O2 PPN B 5 -5.35 -3.91 5.81
H PPN B 5 -8.94 -8.21 1.70
HA PPN B 5 -8.12 -9.94 3.95
HB2 PPN B 5 -10.49 -8.09 3.53
HB3 PPN B 5 -9.96 -8.79 5.06
HD1 PPN B 5 -7.86 -8.02 6.11
HD2 PPN B 5 -9.16 -6.31 2.45
HE1 PPN B 5 -6.26 -6.13 6.45
HE2 PPN B 5 -7.61 -4.43 2.76
N LYS B 6 -9.57 -12.06 3.28
CA LYS B 6 -10.51 -13.16 2.98
C LYS B 6 -11.76 -12.79 2.17
N NH2 B 7 -12.98 -12.27 2.75
HN1 NH2 B 7 -13.76 -12.07 2.15
HN2 NH2 B 7 -13.04 -12.08 3.74
MG MG C . -22.38 -2.91 -19.26
MG MG D . 13.50 10.85 -10.58
#